data_8J4K
#
_entry.id   8J4K
#
_cell.length_a   39.719
_cell.length_b   48.172
_cell.length_c   78.906
_cell.angle_alpha   90.00
_cell.angle_beta   90.00
_cell.angle_gamma   90.00
#
_symmetry.space_group_name_H-M   'P 21 21 21'
#
loop_
_entity.id
_entity.type
_entity.pdbx_description
1 polymer Myoglobin
2 non-polymer 'PROTOPORPHYRIN IX CONTAINING FE'
3 non-polymer 1-(4-hydroxyphenyl)pyrrole-2,5-dione
4 water water
#
_entity_poly.entity_id   1
_entity_poly.type   'polypeptide(L)'
_entity_poly.pdbx_seq_one_letter_code
;MVLSEGEWQLVLHVWAKVEADVAGHGQDILIRLFKSHPETLEKFDRCKHLKTEAEMKASEDLKKHGVTVLTALGAILKKK
GHHEAELKPLAQSHATKHKIPIKYLEFISEAIIHVLHSRHPGDFGADAQGAMNKALELFRKDIAAKYKELGYQG
;
_entity_poly.pdbx_strand_id   A
#
# COMPACT_ATOMS: atom_id res chain seq x y z
N VAL A 2 -14.30 -11.59 -5.55
CA VAL A 2 -13.49 -11.63 -6.78
C VAL A 2 -13.72 -10.34 -7.56
N LEU A 3 -12.70 -9.85 -8.26
CA LEU A 3 -12.96 -8.69 -9.10
C LEU A 3 -13.36 -9.13 -10.51
N SER A 4 -14.14 -8.27 -11.20
CA SER A 4 -14.37 -8.51 -12.63
C SER A 4 -13.14 -8.18 -13.45
N GLU A 5 -13.05 -8.71 -14.69
CA GLU A 5 -11.96 -8.32 -15.56
C GLU A 5 -11.93 -6.78 -15.75
N GLY A 6 -13.11 -6.11 -15.89
CA GLY A 6 -13.16 -4.66 -16.07
C GLY A 6 -12.60 -3.93 -14.84
N GLU A 7 -12.90 -4.48 -13.64
CA GLU A 7 -12.40 -3.86 -12.41
C GLU A 7 -10.88 -4.02 -12.37
N TRP A 8 -10.37 -5.19 -12.71
CA TRP A 8 -8.88 -5.30 -12.79
C TRP A 8 -8.23 -4.33 -13.77
N GLN A 9 -8.86 -4.15 -14.90
CA GLN A 9 -8.30 -3.24 -15.91
C GLN A 9 -8.28 -1.79 -15.43
N LEU A 10 -9.27 -1.38 -14.64
CA LEU A 10 -9.23 -0.01 -14.04
C LEU A 10 -8.07 0.10 -13.04
N VAL A 11 -7.90 -0.94 -12.26
CA VAL A 11 -6.79 -0.94 -11.26
C VAL A 11 -5.44 -0.87 -11.97
N LEU A 12 -5.31 -1.60 -13.05
CA LEU A 12 -3.99 -1.65 -13.73
C LEU A 12 -3.76 -0.39 -14.60
N HIS A 13 -4.84 0.22 -15.03
CA HIS A 13 -4.72 1.51 -15.77
C HIS A 13 -4.16 2.61 -14.87
N VAL A 14 -4.69 2.66 -13.66
CA VAL A 14 -4.21 3.74 -12.75
C VAL A 14 -2.81 3.35 -12.22
N TRP A 15 -2.57 2.07 -12.10
CA TRP A 15 -1.25 1.63 -11.62
C TRP A 15 -0.16 1.99 -12.63
N ALA A 16 -0.50 1.94 -13.89
CA ALA A 16 0.48 2.38 -14.90
C ALA A 16 0.81 3.88 -14.72
N LYS A 17 -0.11 4.68 -14.22
CA LYS A 17 0.19 6.10 -13.87
C LYS A 17 1.15 6.17 -12.68
N VAL A 18 0.94 5.28 -11.73
CA VAL A 18 1.81 5.27 -10.51
C VAL A 18 3.20 4.94 -11.00
N GLU A 19 3.29 4.08 -11.95
CA GLU A 19 4.64 3.60 -12.40
C GLU A 19 5.42 4.66 -13.17
N ALA A 20 4.77 5.75 -13.54
CA ALA A 20 5.50 6.87 -14.17
C ALA A 20 6.43 7.54 -13.14
N ASP A 21 6.15 7.38 -11.85
CA ASP A 21 6.95 8.03 -10.78
C ASP A 21 6.73 7.23 -9.50
N VAL A 22 7.34 6.07 -9.49
CA VAL A 22 7.08 5.18 -8.32
C VAL A 22 7.59 5.83 -7.03
N ALA A 23 8.78 6.39 -7.12
CA ALA A 23 9.36 7.05 -5.92
C ALA A 23 8.50 8.17 -5.35
N GLY A 24 8.02 9.06 -6.22
CA GLY A 24 7.24 10.20 -5.73
C GLY A 24 5.92 9.79 -5.14
N HIS A 25 5.30 8.82 -5.82
CA HIS A 25 4.05 8.28 -5.25
C HIS A 25 4.30 7.59 -3.90
N GLY A 26 5.37 6.83 -3.83
CA GLY A 26 5.74 6.14 -2.57
C GLY A 26 6.03 7.11 -1.44
N GLN A 27 6.72 8.20 -1.76
CA GLN A 27 6.93 9.25 -0.73
C GLN A 27 5.61 9.83 -0.23
N ASP A 28 4.77 10.21 -1.17
CA ASP A 28 3.52 10.86 -0.76
C ASP A 28 2.63 9.90 0.04
N ILE A 29 2.65 8.63 -0.35
CA ILE A 29 1.83 7.61 0.38
C ILE A 29 2.34 7.39 1.82
N LEU A 30 3.65 7.27 1.96
CA LEU A 30 4.15 7.10 3.33
C LEU A 30 4.05 8.38 4.15
N ILE A 31 4.26 9.54 3.54
CA ILE A 31 4.07 10.80 4.31
C ILE A 31 2.62 10.97 4.74
N ARG A 32 1.68 10.63 3.85
CA ARG A 32 0.27 10.70 4.25
C ARG A 32 -0.02 9.71 5.39
N LEU A 33 0.53 8.51 5.25
CA LEU A 33 0.35 7.52 6.35
C LEU A 33 0.89 8.05 7.69
N PHE A 34 2.09 8.59 7.68
CA PHE A 34 2.69 9.04 8.96
C PHE A 34 1.96 10.29 9.49
N LYS A 35 1.47 11.15 8.64
CA LYS A 35 0.71 12.35 9.07
C LYS A 35 -0.66 11.98 9.61
N SER A 36 -1.36 11.07 8.98
CA SER A 36 -2.71 10.68 9.36
C SER A 36 -2.69 9.75 10.56
N HIS A 37 -1.65 8.93 10.66
CA HIS A 37 -1.59 7.88 11.73
C HIS A 37 -0.18 7.87 12.27
N PRO A 38 0.20 8.88 13.09
CA PRO A 38 1.59 8.96 13.54
C PRO A 38 2.19 7.77 14.31
N GLU A 39 1.32 6.95 14.89
CA GLU A 39 1.81 5.76 15.63
C GLU A 39 2.57 4.81 14.69
N THR A 40 2.27 4.92 13.41
CA THR A 40 2.91 4.00 12.42
C THR A 40 4.41 4.30 12.23
N LEU A 41 4.83 5.53 12.57
CA LEU A 41 6.28 5.82 12.46
C LEU A 41 7.12 4.99 13.44
N GLU A 42 6.50 4.46 14.49
CA GLU A 42 7.20 3.67 15.55
C GLU A 42 7.64 2.28 15.05
N LYS A 43 7.14 1.85 13.87
CA LYS A 43 7.43 0.48 13.34
C LYS A 43 8.81 0.28 12.72
N PHE A 44 9.59 1.36 12.61
CA PHE A 44 10.98 1.22 12.15
C PHE A 44 11.79 2.31 12.90
N ASP A 45 12.84 1.87 13.59
CA ASP A 45 13.60 2.79 14.47
C ASP A 45 14.18 4.01 13.73
N ARG A 46 14.67 3.79 12.52
CA ARG A 46 15.31 4.92 11.77
C ARG A 46 14.27 5.97 11.37
N CYS A 47 12.99 5.72 11.58
CA CYS A 47 11.97 6.72 11.23
C CYS A 47 11.52 7.66 12.34
N LYS A 48 11.97 7.38 13.56
CA LYS A 48 11.66 8.28 14.70
C LYS A 48 12.39 9.61 14.47
N HIS A 49 13.44 9.58 13.70
CA HIS A 49 14.20 10.82 13.37
C HIS A 49 13.44 11.75 12.43
N LEU A 50 12.30 11.32 11.90
CA LEU A 50 11.63 12.17 10.89
C LEU A 50 10.61 13.06 11.60
N LYS A 51 10.98 14.31 11.74
CA LYS A 51 10.15 15.23 12.56
C LYS A 51 9.34 16.21 11.73
N THR A 52 9.72 16.43 10.47
CA THR A 52 9.00 17.35 9.59
C THR A 52 8.71 16.70 8.25
N GLU A 53 7.72 17.27 7.57
CA GLU A 53 7.36 16.75 6.24
C GLU A 53 8.53 16.91 5.28
N ALA A 54 9.24 18.04 5.42
CA ALA A 54 10.40 18.29 4.53
C ALA A 54 11.52 17.27 4.75
N GLU A 55 11.72 16.89 6.01
CA GLU A 55 12.72 15.84 6.25
C GLU A 55 12.26 14.48 5.67
N MET A 56 10.97 14.24 5.78
CA MET A 56 10.42 13.01 5.16
C MET A 56 10.65 13.04 3.65
N LYS A 57 10.39 14.19 3.04
CA LYS A 57 10.56 14.29 1.56
C LYS A 57 12.03 14.21 1.15
N ALA A 58 12.93 14.65 2.03
CA ALA A 58 14.37 14.59 1.73
C ALA A 58 15.00 13.22 2.08
N SER A 59 14.28 12.32 2.75
CA SER A 59 14.90 11.07 3.23
C SER A 59 15.05 10.06 2.12
N GLU A 60 16.28 9.68 1.85
CA GLU A 60 16.50 8.65 0.82
C GLU A 60 15.96 7.32 1.34
N ASP A 61 16.09 7.10 2.65
CA ASP A 61 15.58 5.85 3.26
C ASP A 61 14.07 5.73 3.07
N LEU A 62 13.37 6.81 3.32
CA LEU A 62 11.87 6.80 3.17
C LEU A 62 11.55 6.57 1.69
N LYS A 63 12.29 7.23 0.81
CA LYS A 63 11.97 7.10 -0.63
C LYS A 63 12.18 5.66 -1.09
N LYS A 64 13.25 5.02 -0.66
CA LYS A 64 13.53 3.63 -1.04
C LYS A 64 12.49 2.68 -0.42
N HIS A 65 12.04 2.95 0.80
CA HIS A 65 10.97 2.13 1.43
C HIS A 65 9.68 2.23 0.60
N GLY A 66 9.40 3.42 0.12
CA GLY A 66 8.13 3.60 -0.65
C GLY A 66 8.18 2.89 -1.99
N VAL A 67 9.36 2.89 -2.62
CA VAL A 67 9.48 2.14 -3.89
C VAL A 67 9.35 0.64 -3.62
N THR A 68 9.94 0.16 -2.56
CA THR A 68 9.82 -1.28 -2.23
C THR A 68 8.35 -1.65 -1.98
N VAL A 69 7.62 -0.80 -1.29
CA VAL A 69 6.17 -1.08 -1.06
C VAL A 69 5.41 -1.16 -2.37
N LEU A 70 5.57 -0.15 -3.20
CA LEU A 70 4.78 -0.06 -4.44
C LEU A 70 5.21 -1.13 -5.45
N THR A 71 6.50 -1.47 -5.44
CA THR A 71 6.94 -2.58 -6.32
C THR A 71 6.27 -3.90 -5.94
N ALA A 72 6.22 -4.20 -4.65
CA ALA A 72 5.63 -5.47 -4.24
C ALA A 72 4.10 -5.44 -4.46
N LEU A 73 3.50 -4.31 -4.17
CA LEU A 73 2.03 -4.25 -4.32
C LEU A 73 1.65 -4.30 -5.80
N GLY A 74 2.42 -3.60 -6.61
CA GLY A 74 2.18 -3.68 -8.07
C GLY A 74 2.24 -5.11 -8.58
N ALA A 75 3.26 -5.85 -8.20
CA ALA A 75 3.39 -7.25 -8.64
C ALA A 75 2.17 -8.07 -8.20
N ILE A 76 1.68 -7.86 -7.01
CA ILE A 76 0.49 -8.57 -6.52
C ILE A 76 -0.73 -8.16 -7.37
N LEU A 77 -0.93 -6.88 -7.58
CA LEU A 77 -2.16 -6.44 -8.33
C LEU A 77 -2.14 -6.97 -9.78
N LYS A 78 -0.94 -7.07 -10.36
CA LYS A 78 -0.84 -7.58 -11.76
C LYS A 78 -1.21 -9.07 -11.83
N LYS A 79 -1.21 -9.76 -10.71
CA LYS A 79 -1.66 -11.17 -10.76
C LYS A 79 -3.18 -11.27 -10.71
N LYS A 80 -3.88 -10.18 -10.46
CA LYS A 80 -5.37 -10.17 -10.57
C LYS A 80 -5.96 -11.25 -9.66
N GLY A 81 -5.47 -11.33 -8.43
CA GLY A 81 -6.04 -12.25 -7.43
C GLY A 81 -5.28 -13.56 -7.28
N HIS A 82 -4.49 -13.89 -8.29
CA HIS A 82 -3.70 -15.16 -8.27
C HIS A 82 -2.34 -14.85 -7.69
N HIS A 83 -2.35 -14.46 -6.43
CA HIS A 83 -1.11 -13.87 -5.86
C HIS A 83 -0.56 -14.64 -4.66
N GLU A 84 -0.93 -15.91 -4.53
CA GLU A 84 -0.44 -16.66 -3.37
C GLU A 84 1.10 -16.63 -3.25
N ALA A 85 1.81 -16.86 -4.35
CA ALA A 85 3.28 -16.95 -4.28
C ALA A 85 3.94 -15.62 -3.92
N GLU A 86 3.29 -14.54 -4.27
CA GLU A 86 3.80 -13.20 -3.96
C GLU A 86 3.36 -12.78 -2.55
N LEU A 87 2.17 -13.18 -2.14
CA LEU A 87 1.65 -12.73 -0.84
C LEU A 87 2.29 -13.49 0.34
N LYS A 88 2.60 -14.76 0.16
CA LYS A 88 3.13 -15.58 1.27
C LYS A 88 4.36 -14.95 1.93
N PRO A 89 5.40 -14.60 1.17
CA PRO A 89 6.57 -14.07 1.82
C PRO A 89 6.32 -12.73 2.54
N LEU A 90 5.41 -11.96 1.97
CA LEU A 90 5.06 -10.66 2.58
C LEU A 90 4.34 -10.86 3.92
N ALA A 91 3.39 -11.77 3.91
CA ALA A 91 2.72 -12.13 5.17
C ALA A 91 3.73 -12.63 6.21
N GLN A 92 4.66 -13.47 5.75
CA GLN A 92 5.66 -14.01 6.69
C GLN A 92 6.43 -12.86 7.37
N SER A 93 6.99 -11.96 6.58
CA SER A 93 7.81 -10.91 7.22
C SER A 93 6.95 -9.95 8.03
N HIS A 94 5.77 -9.62 7.53
CA HIS A 94 4.93 -8.61 8.20
C HIS A 94 4.25 -9.16 9.46
N ALA A 95 3.94 -10.44 9.47
CA ALA A 95 3.39 -11.04 10.72
C ALA A 95 4.48 -11.38 11.73
N THR A 96 5.56 -11.96 11.27
CA THR A 96 6.58 -12.52 12.22
C THR A 96 7.73 -11.57 12.56
N LYS A 97 8.07 -10.63 11.71
CA LYS A 97 9.24 -9.74 11.98
C LYS A 97 8.82 -8.30 12.24
N HIS A 98 8.14 -7.67 11.26
CA HIS A 98 7.79 -6.24 11.42
C HIS A 98 6.58 -6.04 12.34
N LYS A 99 5.71 -7.05 12.41
CA LYS A 99 4.52 -7.04 13.30
C LYS A 99 3.60 -5.89 12.93
N ILE A 100 3.13 -5.97 11.69
CA ILE A 100 2.20 -4.92 11.21
C ILE A 100 0.79 -5.45 11.25
N PRO A 101 -0.07 -4.86 12.09
CA PRO A 101 -1.44 -5.28 12.18
C PRO A 101 -2.26 -4.92 10.93
N ILE A 102 -3.33 -5.65 10.72
CA ILE A 102 -4.20 -5.38 9.54
C ILE A 102 -4.67 -3.95 9.62
N LYS A 103 -4.91 -3.39 10.80
CA LYS A 103 -5.42 -1.99 10.80
C LYS A 103 -4.36 -1.05 10.19
N TYR A 104 -3.09 -1.39 10.30
CA TYR A 104 -2.12 -0.51 9.66
C TYR A 104 -2.08 -0.72 8.12
N LEU A 105 -2.43 -1.92 7.66
CA LEU A 105 -2.57 -2.12 6.21
C LEU A 105 -3.84 -1.41 5.76
N GLU A 106 -4.86 -1.24 6.60
CA GLU A 106 -5.99 -0.39 6.24
C GLU A 106 -5.53 1.07 6.16
N PHE A 107 -4.73 1.51 7.10
CA PHE A 107 -4.26 2.91 7.03
C PHE A 107 -3.49 3.14 5.72
N ILE A 108 -2.60 2.24 5.35
CA ILE A 108 -1.77 2.52 4.14
C ILE A 108 -2.65 2.41 2.88
N SER A 109 -3.66 1.61 2.95
CA SER A 109 -4.60 1.54 1.81
C SER A 109 -5.33 2.86 1.63
N GLU A 110 -5.78 3.44 2.72
CA GLU A 110 -6.42 4.77 2.66
C GLU A 110 -5.46 5.82 2.08
N ALA A 111 -4.18 5.72 2.43
CA ALA A 111 -3.19 6.69 1.92
C ALA A 111 -2.96 6.46 0.43
N ILE A 112 -2.95 5.20 0.02
CA ILE A 112 -2.81 4.91 -1.43
C ILE A 112 -3.98 5.48 -2.21
N ILE A 113 -5.16 5.35 -1.68
N ILE A 113 -5.18 5.35 -1.68
CA ILE A 113 -6.37 5.89 -2.37
CA ILE A 113 -6.38 5.88 -2.36
C ILE A 113 -6.31 7.42 -2.38
C ILE A 113 -6.31 7.42 -2.38
N HIS A 114 -5.88 8.01 -1.27
CA HIS A 114 -5.78 9.49 -1.21
C HIS A 114 -4.79 10.01 -2.25
N VAL A 115 -3.62 9.41 -2.31
CA VAL A 115 -2.62 9.91 -3.26
C VAL A 115 -3.01 9.68 -4.73
N LEU A 116 -3.61 8.54 -5.02
N LEU A 116 -3.60 8.54 -5.02
CA LEU A 116 -4.02 8.25 -6.42
CA LEU A 116 -4.03 8.25 -6.42
C LEU A 116 -5.08 9.27 -6.83
C LEU A 116 -5.08 9.28 -6.83
N HIS A 117 -6.01 9.57 -5.93
CA HIS A 117 -7.04 10.58 -6.23
C HIS A 117 -6.40 11.98 -6.25
N SER A 118 -5.46 12.26 -5.50
N SER A 118 -5.46 12.26 -5.50
CA SER A 118 -4.83 13.61 -5.53
CA SER A 118 -4.83 13.61 -5.53
C SER A 118 -4.07 13.79 -6.83
C SER A 118 -4.07 13.79 -6.83
N ARG A 119 -3.33 12.77 -7.26
CA ARG A 119 -2.50 12.90 -8.47
C ARG A 119 -3.20 12.61 -9.79
N HIS A 120 -4.19 11.74 -9.78
CA HIS A 120 -4.85 11.29 -11.04
C HIS A 120 -6.36 11.36 -10.97
N PRO A 121 -6.94 12.49 -10.62
CA PRO A 121 -8.40 12.49 -10.48
C PRO A 121 -9.11 12.05 -11.77
N GLY A 122 -8.54 12.49 -12.92
CA GLY A 122 -9.21 12.21 -14.19
C GLY A 122 -9.24 10.71 -14.47
N ASP A 123 -8.33 9.91 -13.89
CA ASP A 123 -8.27 8.45 -14.11
C ASP A 123 -8.59 7.71 -12.80
N PHE A 124 -9.26 8.39 -11.88
CA PHE A 124 -9.58 7.79 -10.56
C PHE A 124 -10.91 8.31 -10.06
N GLY A 125 -11.89 8.12 -10.92
CA GLY A 125 -13.25 8.45 -10.52
C GLY A 125 -13.90 7.32 -9.73
N ALA A 126 -15.20 7.36 -9.55
CA ALA A 126 -15.89 6.41 -8.63
C ALA A 126 -15.67 4.95 -9.02
N ASP A 127 -15.71 4.66 -10.30
CA ASP A 127 -15.59 3.24 -10.68
C ASP A 127 -14.15 2.78 -10.45
N ALA A 128 -13.21 3.64 -10.76
CA ALA A 128 -11.79 3.23 -10.55
C ALA A 128 -11.48 3.17 -9.07
N GLN A 129 -12.02 4.09 -8.29
CA GLN A 129 -11.81 4.06 -6.83
C GLN A 129 -12.41 2.78 -6.26
N GLY A 130 -13.62 2.42 -6.71
CA GLY A 130 -14.27 1.19 -6.24
C GLY A 130 -13.45 -0.04 -6.58
N ALA A 131 -12.91 -0.05 -7.77
CA ALA A 131 -12.10 -1.22 -8.19
C ALA A 131 -10.83 -1.28 -7.32
N MET A 132 -10.18 -0.16 -7.16
CA MET A 132 -8.95 -0.18 -6.33
C MET A 132 -9.27 -0.56 -4.88
N ASN A 133 -10.38 -0.04 -4.34
N ASN A 133 -10.39 -0.06 -4.34
CA ASN A 133 -10.84 -0.41 -3.01
CA ASN A 133 -10.77 -0.44 -2.98
C ASN A 133 -11.03 -1.92 -2.94
C ASN A 133 -11.03 -1.95 -2.92
N LYS A 134 -11.66 -2.55 -3.95
CA LYS A 134 -11.90 -4.00 -3.91
C LYS A 134 -10.54 -4.74 -4.00
N ALA A 135 -9.64 -4.27 -4.80
CA ALA A 135 -8.33 -4.95 -4.96
C ALA A 135 -7.58 -4.87 -3.64
N LEU A 136 -7.57 -3.73 -2.98
CA LEU A 136 -6.85 -3.62 -1.68
C LEU A 136 -7.58 -4.42 -0.61
N GLU A 137 -8.93 -4.43 -0.62
CA GLU A 137 -9.70 -5.30 0.30
C GLU A 137 -9.26 -6.77 0.09
N LEU A 138 -9.11 -7.24 -1.15
CA LEU A 138 -8.77 -8.64 -1.39
C LEU A 138 -7.34 -8.87 -0.85
N PHE A 139 -6.46 -7.96 -1.10
CA PHE A 139 -5.09 -8.07 -0.54
C PHE A 139 -5.12 -8.20 0.99
N ARG A 140 -5.89 -7.37 1.65
CA ARG A 140 -5.87 -7.41 3.12
C ARG A 140 -6.56 -8.68 3.63
N LYS A 141 -7.59 -9.12 2.94
CA LYS A 141 -8.30 -10.35 3.36
C LYS A 141 -7.35 -11.54 3.25
N ASP A 142 -6.64 -11.63 2.16
CA ASP A 142 -5.76 -12.79 1.94
C ASP A 142 -4.54 -12.74 2.87
N ILE A 143 -4.05 -11.54 3.14
CA ILE A 143 -2.86 -11.43 4.04
C ILE A 143 -3.29 -11.77 5.47
N ALA A 144 -4.50 -11.37 5.84
CA ALA A 144 -4.93 -11.71 7.20
C ALA A 144 -5.11 -13.22 7.40
N ALA A 145 -5.58 -13.90 6.36
CA ALA A 145 -5.70 -15.38 6.45
C ALA A 145 -4.32 -16.01 6.62
N LYS A 146 -3.34 -15.47 5.93
CA LYS A 146 -1.96 -15.97 6.06
C LYS A 146 -1.37 -15.60 7.42
N TYR A 147 -1.68 -14.41 7.92
CA TYR A 147 -1.22 -14.05 9.27
C TYR A 147 -1.69 -15.13 10.24
N LYS A 148 -2.96 -15.47 10.15
CA LYS A 148 -3.51 -16.47 11.10
C LYS A 148 -2.87 -17.84 10.93
N GLU A 149 -2.60 -18.24 9.71
CA GLU A 149 -1.93 -19.52 9.48
C GLU A 149 -0.55 -19.52 10.14
N LEU A 150 0.06 -18.36 10.32
CA LEU A 150 1.41 -18.26 10.92
C LEU A 150 1.30 -17.98 12.42
N GLY A 151 0.09 -17.97 12.93
CA GLY A 151 -0.13 -17.72 14.38
C GLY A 151 -0.23 -16.26 14.83
N TYR A 152 -0.37 -15.33 13.91
CA TYR A 152 -0.44 -13.87 14.24
C TYR A 152 -1.88 -13.40 14.07
N GLN A 153 -2.50 -12.85 15.12
CA GLN A 153 -3.89 -12.41 15.10
C GLN A 153 -4.02 -10.88 14.94
N GLY A 154 -2.99 -10.19 14.42
N GLY A 154 -2.97 -10.29 14.35
CA GLY A 154 -3.03 -8.72 14.33
CA GLY A 154 -2.92 -8.94 13.80
C GLY A 154 -3.45 -8.20 12.97
C GLY A 154 -4.15 -8.60 12.99
#